data_1GA1
#
_entry.id   1GA1
#
_cell.length_a   97.190
_cell.length_b   97.190
_cell.length_c   83.370
_cell.angle_alpha   90.00
_cell.angle_beta   90.00
_cell.angle_gamma   120.00
#
_symmetry.space_group_name_H-M   'P 62'
#
loop_
_entity.id
_entity.type
_entity.pdbx_description
1 polymer 'SERINE-CARBOXYL PROTEINASE'
2 polymer 'FRAGMENT OF IODOTYROSTATIN'
3 non-polymer 'CALCIUM ION'
4 non-polymer 'CHLORIDE ION'
5 non-polymer GLYCEROL
6 water water
#
loop_
_entity_poly.entity_id
_entity_poly.type
_entity_poly.pdbx_seq_one_letter_code
_entity_poly.pdbx_strand_id
1 'polypeptide(L)'
;AAGTAKGHNPTEFPTIYDASSAPTAANTTVGIITIGGVSQTLQDLQQFTSANGLASVNTQTIQTGSSNGDYSDDQQGQGE
WDLDSQSIVGSAGGAVQQLLFYMADQSASGNTGLTQAFNQAVSDNVAKVINVSLGWCEADANADGTLQAEDRIFATAAAQ
GQTFSVSSGDEGVYECNNRGYPDGSTYSVSWPASSPNVIAVGGTTLYTTSAGAYSNETVWNEGLDSNGKLWATGGGYSVY
ESKPSWQSVVSGTPGRRLLPDISFDAAQGTGALIYNYGQLQQIGGTSLASPIFVGLWARLQSANSNSLGFPAASFYSAIS
STPSLVHDVKSGNNGYGGYGYNAGTGWDYPTGWGSLDIAKLSAYIRSNGFGH
;
A
2 'polypeptide(L)' (UNK)(PHI)(UNK) I
#
loop_
_chem_comp.id
_chem_comp.type
_chem_comp.name
_chem_comp.formula
CA non-polymer 'CALCIUM ION' 'Ca 2'
CL non-polymer 'CHLORIDE ION' 'Cl -1'
GOL non-polymer GLYCEROL 'C3 H8 O3'
#
# COMPACT_ATOMS: atom_id res chain seq x y z
N GLY A 3 20.95 8.23 12.08
CA GLY A 3 20.19 7.33 11.21
C GLY A 3 20.84 6.91 9.91
N THR A 4 20.70 5.69 9.43
CA THR A 4 21.32 5.25 8.19
C THR A 4 20.35 4.46 7.32
N ALA A 5 20.71 4.33 6.03
CA ALA A 5 19.94 3.64 5.01
C ALA A 5 20.43 2.22 4.83
N LYS A 6 19.54 1.27 5.07
CA LYS A 6 19.86 -0.14 4.88
C LYS A 6 18.60 -0.94 4.64
N GLY A 7 18.73 -2.18 4.18
CA GLY A 7 17.56 -3.02 4.08
C GLY A 7 17.08 -3.52 5.43
N HIS A 8 15.86 -3.99 5.46
CA HIS A 8 15.19 -4.45 6.68
C HIS A 8 14.41 -5.73 6.50
N ASN A 9 14.54 -6.63 7.49
CA ASN A 9 13.66 -7.81 7.52
C ASN A 9 12.23 -7.32 7.73
N PRO A 10 11.23 -7.91 7.08
CA PRO A 10 9.85 -7.58 7.41
C PRO A 10 9.50 -7.68 8.88
N THR A 11 10.11 -8.62 9.62
CA THR A 11 9.76 -8.68 11.02
C THR A 11 10.22 -7.46 11.80
N GLU A 12 11.04 -6.59 11.21
CA GLU A 12 11.49 -5.37 11.87
C GLU A 12 10.47 -4.25 11.76
N PHE A 13 9.56 -4.32 10.78
CA PHE A 13 8.65 -3.17 10.62
C PHE A 13 7.83 -2.86 11.87
N PRO A 14 7.39 -3.82 12.69
CA PRO A 14 6.71 -3.42 13.94
C PRO A 14 7.55 -2.59 14.86
N THR A 15 8.85 -2.80 15.01
CA THR A 15 9.56 -1.92 15.94
C THR A 15 9.83 -0.58 15.29
N ILE A 16 10.06 -0.55 13.99
CA ILE A 16 10.27 0.71 13.29
C ILE A 16 9.09 1.63 13.44
N TYR A 17 7.88 1.10 13.30
CA TYR A 17 6.66 1.92 13.31
C TYR A 17 5.90 1.79 14.63
N ASP A 18 6.57 1.37 15.70
CA ASP A 18 6.11 1.40 17.07
C ASP A 18 4.84 0.57 17.28
N ALA A 19 4.76 -0.61 16.63
CA ALA A 19 3.65 -1.51 16.73
C ALA A 19 3.90 -2.74 17.60
N SER A 20 5.11 -2.90 18.10
CA SER A 20 5.44 -4.19 18.70
C SER A 20 4.73 -4.42 20.02
N SER A 21 4.18 -3.39 20.66
CA SER A 21 3.44 -3.62 21.91
C SER A 21 1.97 -3.87 21.67
N ALA A 22 1.54 -3.84 20.42
CA ALA A 22 0.15 -4.00 20.05
C ALA A 22 -0.14 -5.46 19.74
N PRO A 23 -1.40 -5.90 19.82
CA PRO A 23 -1.75 -7.26 19.35
C PRO A 23 -1.31 -7.47 17.93
N THR A 24 -1.09 -8.74 17.58
CA THR A 24 -0.81 -9.09 16.20
C THR A 24 -2.12 -9.18 15.44
N ALA A 25 -2.03 -9.45 14.15
CA ALA A 25 -3.21 -9.66 13.33
C ALA A 25 -3.75 -11.07 13.31
N ALA A 26 -3.50 -11.86 14.33
CA ALA A 26 -3.94 -13.26 14.42
C ALA A 26 -5.43 -13.44 14.28
N ASN A 27 -6.20 -12.40 14.60
CA ASN A 27 -7.63 -12.53 14.50
C ASN A 27 -8.23 -11.78 13.32
N THR A 28 -7.41 -11.40 12.34
CA THR A 28 -7.90 -10.70 11.16
C THR A 28 -7.48 -11.39 9.87
N THR A 29 -8.43 -11.57 8.97
CA THR A 29 -8.14 -12.13 7.65
C THR A 29 -7.78 -11.03 6.68
N VAL A 30 -6.72 -11.27 5.91
CA VAL A 30 -6.11 -10.29 4.98
C VAL A 30 -6.12 -10.85 3.59
N GLY A 31 -6.45 -10.01 2.61
CA GLY A 31 -6.40 -10.41 1.22
C GLY A 31 -5.27 -9.69 0.50
N ILE A 32 -4.84 -10.34 -0.61
CA ILE A 32 -3.88 -9.78 -1.52
C ILE A 32 -4.43 -9.99 -2.93
N ILE A 33 -4.53 -8.91 -3.71
CA ILE A 33 -4.90 -9.03 -5.12
C ILE A 33 -3.65 -9.36 -5.92
N THR A 34 -3.73 -10.39 -6.73
CA THR A 34 -2.62 -10.78 -7.61
C THR A 34 -3.10 -10.85 -9.06
N ILE A 35 -2.14 -10.80 -9.97
CA ILE A 35 -2.35 -11.10 -11.38
C ILE A 35 -1.74 -12.47 -11.62
N GLY A 36 -2.62 -13.44 -11.91
CA GLY A 36 -2.18 -14.81 -12.03
C GLY A 36 -1.92 -15.50 -10.71
N GLY A 37 -1.22 -16.64 -10.82
CA GLY A 37 -1.03 -17.57 -9.73
C GLY A 37 0.07 -17.16 -8.76
N VAL A 38 0.15 -17.96 -7.70
CA VAL A 38 1.05 -17.70 -6.58
C VAL A 38 1.79 -18.96 -6.13
N SER A 39 2.03 -19.93 -7.04
CA SER A 39 2.65 -21.18 -6.59
C SER A 39 4.04 -20.95 -6.05
N GLN A 40 4.90 -20.22 -6.75
CA GLN A 40 6.22 -19.95 -6.18
C GLN A 40 6.14 -19.07 -4.95
N THR A 41 5.21 -18.08 -5.01
CA THR A 41 5.03 -17.18 -3.86
C THR A 41 4.75 -17.98 -2.58
N LEU A 42 3.95 -19.04 -2.66
CA LEU A 42 3.64 -19.81 -1.49
C LEU A 42 4.85 -20.57 -0.97
N GLN A 43 5.75 -21.02 -1.85
CA GLN A 43 7.00 -21.63 -1.43
C GLN A 43 7.88 -20.57 -0.76
N ASP A 44 7.95 -19.39 -1.34
CA ASP A 44 8.72 -18.29 -0.78
C ASP A 44 8.18 -17.87 0.59
N LEU A 45 6.87 -17.95 0.76
CA LEU A 45 6.25 -17.60 2.04
C LEU A 45 6.64 -18.60 3.12
N GLN A 46 6.67 -19.88 2.73
CA GLN A 46 7.12 -20.90 3.65
C GLN A 46 8.59 -20.69 4.06
N GLN A 47 9.43 -20.33 3.09
CA GLN A 47 10.82 -20.02 3.37
C GLN A 47 10.88 -18.86 4.39
N PHE A 48 10.09 -17.82 4.14
CA PHE A 48 10.04 -16.70 5.04
C PHE A 48 9.61 -17.08 6.46
N THR A 49 8.48 -17.75 6.62
CA THR A 49 8.05 -18.03 8.00
C THR A 49 9.01 -18.99 8.66
N SER A 50 9.46 -19.99 7.91
CA SER A 50 10.38 -20.94 8.52
C SER A 50 11.72 -20.30 8.91
N ALA A 51 12.29 -19.49 8.02
CA ALA A 51 13.58 -18.87 8.34
C ALA A 51 13.48 -17.98 9.55
N ASN A 52 12.33 -17.29 9.71
CA ASN A 52 12.13 -16.39 10.83
C ASN A 52 11.57 -17.08 12.07
N GLY A 53 11.39 -18.39 12.00
CA GLY A 53 10.95 -19.14 13.18
C GLY A 53 9.53 -18.83 13.56
N LEU A 54 8.73 -18.42 12.60
CA LEU A 54 7.35 -18.09 12.85
C LEU A 54 6.45 -19.27 12.58
N ALA A 55 5.28 -19.21 13.29
CA ALA A 55 4.24 -20.16 12.97
C ALA A 55 3.87 -20.02 11.48
N SER A 56 3.52 -21.16 10.85
CA SER A 56 3.10 -21.10 9.44
C SER A 56 1.82 -20.28 9.26
N VAL A 57 1.66 -19.66 8.12
CA VAL A 57 0.52 -18.87 7.74
C VAL A 57 -0.51 -19.74 7.00
N ASN A 58 -1.76 -19.63 7.43
CA ASN A 58 -2.88 -20.28 6.74
C ASN A 58 -3.21 -19.47 5.50
N THR A 59 -3.10 -20.09 4.34
CA THR A 59 -3.36 -19.43 3.08
C THR A 59 -4.50 -20.09 2.33
N GLN A 60 -5.10 -19.31 1.46
CA GLN A 60 -6.03 -19.80 0.47
C GLN A 60 -5.84 -19.04 -0.84
N THR A 61 -6.01 -19.70 -1.97
CA THR A 61 -5.95 -19.07 -3.29
C THR A 61 -7.33 -19.18 -3.91
N ILE A 62 -7.69 -18.07 -4.57
CA ILE A 62 -9.02 -17.96 -5.13
C ILE A 62 -8.91 -17.54 -6.60
N GLN A 63 -9.43 -18.41 -7.48
CA GLN A 63 -9.57 -18.06 -8.86
C GLN A 63 -10.77 -17.13 -8.96
N THR A 64 -10.57 -15.89 -9.36
CA THR A 64 -11.66 -14.92 -9.34
C THR A 64 -12.40 -14.75 -10.64
N GLY A 65 -11.93 -15.40 -11.70
CA GLY A 65 -12.53 -15.25 -13.03
C GLY A 65 -13.08 -16.58 -13.49
N SER A 66 -13.05 -16.77 -14.79
CA SER A 66 -13.48 -18.01 -15.39
C SER A 66 -12.76 -19.23 -14.82
N SER A 67 -13.42 -20.41 -14.73
CA SER A 67 -12.75 -21.59 -14.19
C SER A 67 -11.73 -22.17 -15.18
N ASN A 68 -11.93 -21.75 -16.42
CA ASN A 68 -11.11 -22.06 -17.57
C ASN A 68 -10.06 -20.98 -17.74
N GLY A 69 -9.95 -20.06 -16.78
CA GLY A 69 -8.96 -18.97 -16.97
C GLY A 69 -7.51 -19.37 -16.74
N ASP A 70 -6.65 -18.40 -17.00
CA ASP A 70 -5.20 -18.60 -16.86
C ASP A 70 -4.72 -18.06 -15.53
N TYR A 71 -4.43 -18.96 -14.61
CA TYR A 71 -3.95 -18.68 -13.28
C TYR A 71 -2.52 -19.24 -13.12
N SER A 72 -1.81 -19.37 -14.23
CA SER A 72 -0.40 -19.70 -14.17
C SER A 72 0.39 -18.62 -13.46
N ASP A 73 1.54 -18.98 -12.91
CA ASP A 73 2.39 -18.00 -12.28
C ASP A 73 2.97 -17.05 -13.31
N ASP A 74 2.90 -15.77 -12.99
CA ASP A 74 3.71 -14.76 -13.68
C ASP A 74 5.04 -14.70 -12.94
N GLN A 75 6.16 -14.97 -13.58
CA GLN A 75 7.42 -15.09 -12.88
C GLN A 75 7.79 -13.80 -12.16
N GLN A 76 7.79 -12.68 -12.87
CA GLN A 76 8.13 -11.42 -12.22
C GLN A 76 7.10 -11.08 -11.14
N GLY A 77 5.84 -11.43 -11.40
CA GLY A 77 4.77 -11.22 -10.47
C GLY A 77 5.02 -11.88 -9.15
N GLN A 78 5.65 -13.04 -9.13
CA GLN A 78 5.89 -13.69 -7.86
C GLN A 78 6.65 -12.79 -6.91
N GLY A 79 7.61 -12.02 -7.42
CA GLY A 79 8.33 -11.12 -6.54
C GLY A 79 7.43 -10.06 -5.88
N GLU A 80 6.44 -9.58 -6.63
CA GLU A 80 5.46 -8.68 -6.01
C GLU A 80 4.60 -9.38 -4.98
N TRP A 81 4.10 -10.58 -5.27
CA TRP A 81 3.23 -11.22 -4.30
C TRP A 81 4.04 -11.66 -3.07
N ASP A 82 5.34 -11.90 -3.29
CA ASP A 82 6.31 -12.16 -2.21
C ASP A 82 6.50 -10.94 -1.33
N LEU A 83 6.78 -9.81 -1.99
CA LEU A 83 6.90 -8.55 -1.24
C LEU A 83 5.67 -8.32 -0.38
N ASP A 84 4.49 -8.52 -0.97
CA ASP A 84 3.25 -8.22 -0.30
C ASP A 84 3.02 -9.15 0.89
N SER A 85 3.10 -10.45 0.62
CA SER A 85 2.80 -11.43 1.66
C SER A 85 3.79 -11.40 2.80
N GLN A 86 5.06 -11.33 2.51
CA GLN A 86 6.07 -11.31 3.59
C GLN A 86 6.02 -10.00 4.36
N SER A 87 5.82 -8.86 3.67
CA SER A 87 5.73 -7.61 4.38
C SER A 87 4.47 -7.51 5.26
N ILE A 88 3.36 -8.02 4.75
CA ILE A 88 2.14 -8.05 5.57
C ILE A 88 2.37 -8.87 6.83
N VAL A 89 2.87 -10.09 6.67
CA VAL A 89 2.97 -10.98 7.81
C VAL A 89 3.98 -10.41 8.81
N GLY A 90 5.10 -9.87 8.33
CA GLY A 90 6.04 -9.24 9.25
C GLY A 90 5.46 -8.06 9.97
N SER A 91 4.83 -7.13 9.23
CA SER A 91 4.26 -5.93 9.85
C SER A 91 3.12 -6.25 10.80
N ALA A 92 2.42 -7.32 10.52
CA ALA A 92 1.33 -7.81 11.38
C ALA A 92 1.79 -8.40 12.70
N GLY A 93 3.10 -8.55 12.87
CA GLY A 93 3.62 -9.13 14.10
C GLY A 93 3.82 -10.62 13.98
N GLY A 94 3.88 -11.16 12.78
CA GLY A 94 4.20 -12.55 12.56
C GLY A 94 3.02 -13.49 12.54
N ALA A 95 1.80 -12.99 12.52
CA ALA A 95 0.59 -13.78 12.46
C ALA A 95 -0.56 -13.00 11.82
N VAL A 96 -1.28 -13.70 10.96
CA VAL A 96 -2.56 -13.23 10.39
C VAL A 96 -3.54 -14.39 10.57
N GLN A 97 -4.84 -14.13 10.62
CA GLN A 97 -5.76 -15.24 10.72
C GLN A 97 -5.65 -16.16 9.51
N GLN A 98 -5.65 -15.55 8.34
CA GLN A 98 -5.53 -16.23 7.06
C GLN A 98 -5.11 -15.16 6.04
N LEU A 99 -4.37 -15.64 5.05
CA LEU A 99 -3.97 -14.82 3.94
C LEU A 99 -4.64 -15.35 2.65
N LEU A 100 -5.48 -14.53 2.06
CA LEU A 100 -6.25 -14.92 0.87
C LEU A 100 -5.65 -14.24 -0.37
N PHE A 101 -5.30 -15.05 -1.36
CA PHE A 101 -4.80 -14.53 -2.59
C PHE A 101 -5.89 -14.57 -3.64
N TYR A 102 -6.37 -13.38 -4.02
CA TYR A 102 -7.42 -13.18 -4.99
C TYR A 102 -6.76 -13.00 -6.35
N MET A 103 -6.75 -14.10 -7.10
CA MET A 103 -5.96 -14.17 -8.32
C MET A 103 -6.77 -13.73 -9.54
N ALA A 104 -6.30 -12.70 -10.26
CA ALA A 104 -6.90 -12.28 -11.49
C ALA A 104 -6.56 -13.28 -12.62
N ASP A 105 -7.57 -13.56 -13.42
CA ASP A 105 -7.42 -14.34 -14.66
C ASP A 105 -6.62 -13.57 -15.68
N GLN A 106 -5.53 -14.16 -16.16
CA GLN A 106 -4.63 -13.47 -17.11
C GLN A 106 -5.12 -13.52 -18.55
N SER A 107 -6.17 -14.29 -18.81
CA SER A 107 -6.75 -14.41 -20.15
C SER A 107 -8.12 -13.77 -20.22
N ALA A 108 -8.48 -13.00 -19.21
CA ALA A 108 -9.79 -12.31 -19.24
C ALA A 108 -9.83 -11.19 -20.26
N SER A 109 -11.02 -10.89 -20.76
CA SER A 109 -11.18 -9.81 -21.73
C SER A 109 -10.80 -8.44 -21.16
N GLY A 110 -10.16 -7.64 -22.02
CA GLY A 110 -9.83 -6.28 -21.67
C GLY A 110 -9.17 -6.16 -20.31
N ASN A 111 -9.68 -5.31 -19.44
CA ASN A 111 -9.13 -5.12 -18.12
C ASN A 111 -9.94 -5.83 -17.05
N THR A 112 -10.76 -6.79 -17.49
CA THR A 112 -11.75 -7.33 -16.58
C THR A 112 -11.19 -8.35 -15.61
N GLY A 113 -9.98 -8.84 -15.85
CA GLY A 113 -9.34 -9.78 -14.97
C GLY A 113 -9.20 -9.22 -13.53
N LEU A 114 -8.59 -8.05 -13.52
CA LEU A 114 -8.37 -7.41 -12.23
C LEU A 114 -9.70 -6.98 -11.62
N THR A 115 -10.59 -6.45 -12.43
CA THR A 115 -11.89 -6.02 -11.94
C THR A 115 -12.61 -7.17 -11.23
N GLN A 116 -12.62 -8.34 -11.82
CA GLN A 116 -13.25 -9.50 -11.23
C GLN A 116 -12.55 -9.90 -9.93
N ALA A 117 -11.24 -9.71 -9.82
CA ALA A 117 -10.53 -10.04 -8.59
C ALA A 117 -11.01 -9.10 -7.47
N PHE A 118 -11.06 -7.78 -7.72
CA PHE A 118 -11.59 -6.84 -6.75
C PHE A 118 -13.01 -7.23 -6.34
N ASN A 119 -13.79 -7.53 -7.38
CA ASN A 119 -15.19 -7.88 -7.12
C ASN A 119 -15.31 -9.11 -6.24
N GLN A 120 -14.48 -10.14 -6.46
CA GLN A 120 -14.63 -11.35 -5.62
C GLN A 120 -14.26 -11.02 -4.17
N ALA A 121 -13.21 -10.21 -3.98
CA ALA A 121 -12.85 -9.90 -2.60
C ALA A 121 -13.98 -9.17 -1.89
N VAL A 122 -14.67 -8.28 -2.58
CA VAL A 122 -15.77 -7.54 -1.95
C VAL A 122 -17.01 -8.39 -1.77
N SER A 123 -17.36 -9.20 -2.76
CA SER A 123 -18.54 -10.06 -2.69
C SER A 123 -18.38 -11.06 -1.57
N ASP A 124 -17.20 -11.69 -1.48
CA ASP A 124 -16.98 -12.67 -0.42
C ASP A 124 -17.04 -12.02 0.97
N ASN A 125 -16.47 -10.84 1.13
CA ASN A 125 -16.49 -10.06 2.37
C ASN A 125 -15.97 -10.89 3.55
N VAL A 126 -14.84 -11.53 3.28
CA VAL A 126 -14.18 -12.31 4.34
C VAL A 126 -12.91 -11.63 4.84
N ALA A 127 -12.18 -10.96 3.93
CA ALA A 127 -10.98 -10.26 4.30
C ALA A 127 -11.34 -8.86 4.78
N LYS A 128 -10.81 -8.47 5.93
CA LYS A 128 -11.07 -7.15 6.48
C LYS A 128 -10.24 -6.06 5.81
N VAL A 129 -9.03 -6.44 5.38
CA VAL A 129 -8.06 -5.54 4.79
C VAL A 129 -7.52 -6.29 3.56
N ILE A 130 -7.40 -5.56 2.47
CA ILE A 130 -6.93 -6.15 1.21
C ILE A 130 -5.85 -5.26 0.59
N ASN A 131 -4.72 -5.86 0.27
CA ASN A 131 -3.62 -5.14 -0.40
C ASN A 131 -3.74 -5.15 -1.91
N VAL A 132 -3.46 -3.99 -2.50
CA VAL A 132 -3.40 -3.82 -3.96
C VAL A 132 -2.10 -3.12 -4.33
N SER A 133 -1.06 -3.88 -4.72
CA SER A 133 0.21 -3.30 -5.10
C SER A 133 0.27 -3.19 -6.61
N LEU A 134 -0.78 -2.74 -7.22
CA LEU A 134 -0.98 -2.62 -8.64
C LEU A 134 -1.56 -1.25 -8.95
N GLY A 135 -1.21 -0.73 -10.09
CA GLY A 135 -1.75 0.54 -10.49
C GLY A 135 -1.40 0.85 -11.93
N TRP A 136 -2.11 1.85 -12.46
CA TRP A 136 -1.89 2.33 -13.81
C TRP A 136 -2.50 3.73 -13.91
N CYS A 137 -2.11 4.42 -14.98
CA CYS A 137 -2.58 5.76 -15.23
C CYS A 137 -4.10 5.87 -15.08
N GLU A 138 -4.57 6.76 -14.22
CA GLU A 138 -6.01 6.81 -13.99
C GLU A 138 -6.76 7.24 -15.24
N ALA A 139 -6.16 8.02 -16.12
CA ALA A 139 -6.81 8.47 -17.36
C ALA A 139 -7.00 7.29 -18.31
N ASP A 140 -6.11 6.33 -18.28
CA ASP A 140 -6.24 5.14 -19.12
C ASP A 140 -7.35 4.26 -18.58
N ALA A 141 -7.37 4.10 -17.24
CA ALA A 141 -8.46 3.37 -16.61
C ALA A 141 -9.83 4.03 -16.89
N ASN A 142 -9.83 5.35 -16.90
CA ASN A 142 -11.07 6.07 -17.14
C ASN A 142 -11.51 5.91 -18.60
N ALA A 143 -10.58 5.87 -19.54
CA ALA A 143 -10.90 5.92 -20.96
C ALA A 143 -11.70 4.73 -21.41
N ASP A 144 -11.53 3.58 -20.82
CA ASP A 144 -12.29 2.39 -21.27
C ASP A 144 -13.35 1.93 -20.26
N GLY A 145 -13.63 2.78 -19.28
CA GLY A 145 -14.66 2.52 -18.29
C GLY A 145 -14.27 1.66 -17.10
N THR A 146 -12.98 1.27 -17.08
CA THR A 146 -12.53 0.47 -15.92
C THR A 146 -12.70 1.22 -14.62
N LEU A 147 -12.33 2.51 -14.62
CA LEU A 147 -12.36 3.30 -13.42
C LEU A 147 -13.75 3.28 -12.82
N GLN A 148 -14.75 3.60 -13.64
CA GLN A 148 -16.14 3.63 -13.14
C GLN A 148 -16.58 2.29 -12.57
N ALA A 149 -16.25 1.23 -13.29
CA ALA A 149 -16.68 -0.09 -12.84
C ALA A 149 -16.04 -0.48 -11.52
N GLU A 150 -14.73 -0.22 -11.42
CA GLU A 150 -14.00 -0.60 -10.21
C GLU A 150 -14.35 0.29 -9.03
N ASP A 151 -14.62 1.59 -9.27
CA ASP A 151 -15.00 2.44 -8.16
C ASP A 151 -16.28 1.94 -7.50
N ARG A 152 -17.23 1.40 -8.26
CA ARG A 152 -18.45 0.87 -7.68
C ARG A 152 -18.14 -0.26 -6.68
N ILE A 153 -17.17 -1.08 -7.04
CA ILE A 153 -16.73 -2.19 -6.21
C ILE A 153 -16.06 -1.68 -4.94
N PHE A 154 -15.14 -0.72 -5.09
CA PHE A 154 -14.52 -0.19 -3.88
C PHE A 154 -15.50 0.55 -3.00
N ALA A 155 -16.49 1.20 -3.60
CA ALA A 155 -17.54 1.84 -2.82
C ALA A 155 -18.28 0.84 -1.96
N THR A 156 -18.63 -0.31 -2.53
CA THR A 156 -19.26 -1.39 -1.75
C THR A 156 -18.35 -1.84 -0.63
N ALA A 157 -17.06 -1.99 -0.93
CA ALA A 157 -16.11 -2.41 0.09
C ALA A 157 -16.09 -1.46 1.29
N ALA A 158 -15.94 -0.15 0.98
CA ALA A 158 -15.87 0.82 2.07
C ALA A 158 -17.15 0.80 2.90
N ALA A 159 -18.29 0.74 2.25
CA ALA A 159 -19.56 0.74 2.97
C ALA A 159 -19.71 -0.45 3.90
N GLN A 160 -19.15 -1.59 3.46
CA GLN A 160 -19.29 -2.78 4.33
C GLN A 160 -18.12 -2.96 5.29
N GLY A 161 -17.23 -1.98 5.37
CA GLY A 161 -16.21 -1.97 6.39
C GLY A 161 -14.89 -2.60 6.01
N GLN A 162 -14.69 -2.90 4.73
CA GLN A 162 -13.41 -3.43 4.27
C GLN A 162 -12.48 -2.28 3.87
N THR A 163 -11.20 -2.44 4.14
CA THR A 163 -10.19 -1.48 3.78
C THR A 163 -9.30 -2.05 2.68
N PHE A 164 -9.41 -1.50 1.47
CA PHE A 164 -8.45 -1.68 0.41
C PHE A 164 -7.36 -0.67 0.59
N SER A 165 -6.13 -1.13 0.56
CA SER A 165 -4.90 -0.36 0.62
C SER A 165 -4.24 -0.48 -0.74
N VAL A 166 -3.91 0.67 -1.34
CA VAL A 166 -3.39 0.69 -2.67
C VAL A 166 -2.11 1.53 -2.77
N SER A 167 -1.08 0.92 -3.35
CA SER A 167 0.15 1.63 -3.63
C SER A 167 -0.10 2.84 -4.50
N SER A 168 0.53 3.97 -4.11
CA SER A 168 0.25 5.20 -4.82
C SER A 168 0.94 5.29 -6.18
N GLY A 169 1.94 4.49 -6.44
CA GLY A 169 2.68 4.51 -7.68
C GLY A 169 4.16 4.64 -7.50
N ASP A 170 4.91 4.26 -8.53
CA ASP A 170 6.38 4.20 -8.45
C ASP A 170 7.07 5.12 -9.43
N GLU A 171 6.30 5.98 -10.08
CA GLU A 171 6.70 6.85 -11.18
C GLU A 171 6.63 8.31 -10.76
N GLY A 172 6.58 8.58 -9.45
CA GLY A 172 6.38 9.96 -8.96
C GLY A 172 5.20 10.58 -9.64
N VAL A 173 5.29 11.83 -10.01
CA VAL A 173 4.23 12.56 -10.68
C VAL A 173 4.01 12.15 -12.12
N TYR A 174 4.79 11.23 -12.69
CA TYR A 174 4.76 10.92 -14.12
C TYR A 174 4.10 9.58 -14.42
N GLU A 175 3.02 9.28 -13.71
CA GLU A 175 2.32 8.02 -13.89
C GLU A 175 1.84 7.77 -15.31
N CYS A 176 1.27 8.79 -15.96
CA CYS A 176 0.68 8.60 -17.25
C CYS A 176 1.66 8.83 -18.39
N ASN A 177 2.90 9.13 -18.20
CA ASN A 177 3.91 9.24 -19.25
C ASN A 177 4.65 7.94 -19.51
N ASN A 178 4.00 7.02 -20.21
CA ASN A 178 4.61 5.70 -20.40
C ASN A 178 5.08 5.09 -19.06
N ARG A 179 4.25 5.28 -18.03
CA ARG A 179 4.58 4.78 -16.69
C ARG A 179 5.94 5.24 -16.17
N GLY A 180 6.21 6.55 -16.09
CA GLY A 180 7.39 7.05 -15.43
C GLY A 180 8.46 7.81 -16.15
N TYR A 181 8.36 8.21 -17.42
CA TYR A 181 9.46 9.00 -17.98
C TYR A 181 9.22 10.45 -17.60
N PRO A 182 10.25 11.18 -17.20
CA PRO A 182 10.05 12.58 -16.83
C PRO A 182 9.29 13.33 -17.92
N ASP A 183 8.32 14.13 -17.53
CA ASP A 183 7.45 14.86 -18.45
C ASP A 183 7.30 16.29 -17.92
N GLY A 184 8.40 16.88 -17.38
CA GLY A 184 8.36 18.29 -17.07
C GLY A 184 7.23 18.58 -16.06
N SER A 185 6.37 19.54 -16.41
CA SER A 185 5.39 20.01 -15.47
C SER A 185 4.07 19.26 -15.60
N THR A 186 4.03 18.18 -16.37
CA THR A 186 2.81 17.39 -16.57
C THR A 186 2.73 16.28 -15.54
N TYR A 187 1.78 16.42 -14.63
CA TYR A 187 1.64 15.55 -13.46
C TYR A 187 0.33 14.75 -13.56
N SER A 188 0.38 13.51 -13.06
CA SER A 188 -0.72 12.60 -13.15
C SER A 188 -0.66 11.62 -11.99
N VAL A 189 -1.72 10.85 -11.81
CA VAL A 189 -1.80 9.92 -10.69
C VAL A 189 -2.34 8.55 -11.16
N SER A 190 -2.15 7.58 -10.26
CA SER A 190 -2.46 6.19 -10.45
C SER A 190 -3.83 5.79 -9.93
N TRP A 191 -4.46 4.90 -10.68
CA TRP A 191 -5.66 4.17 -10.34
C TRP A 191 -5.30 2.76 -9.91
N PRO A 192 -5.86 2.13 -8.90
CA PRO A 192 -6.97 2.63 -8.10
C PRO A 192 -6.64 3.48 -6.87
N ALA A 193 -5.37 3.91 -6.74
CA ALA A 193 -5.05 4.77 -5.58
C ALA A 193 -5.91 6.03 -5.56
N SER A 194 -6.27 6.55 -6.73
CA SER A 194 -7.03 7.80 -6.76
C SER A 194 -8.49 7.64 -6.34
N SER A 195 -8.99 6.43 -6.12
CA SER A 195 -10.34 6.22 -5.65
C SER A 195 -10.50 6.79 -4.23
N PRO A 196 -11.59 7.47 -3.93
CA PRO A 196 -11.82 7.93 -2.54
C PRO A 196 -12.25 6.81 -1.61
N ASN A 197 -12.51 5.63 -2.11
CA ASN A 197 -12.99 4.45 -1.45
C ASN A 197 -11.88 3.45 -1.06
N VAL A 198 -10.61 3.87 -1.21
CA VAL A 198 -9.47 3.08 -0.81
C VAL A 198 -8.53 3.99 -0.01
N ILE A 199 -7.60 3.38 0.74
CA ILE A 199 -6.51 4.10 1.36
C ILE A 199 -5.33 4.03 0.39
N ALA A 200 -4.85 5.20 -0.04
CA ALA A 200 -3.71 5.31 -0.91
C ALA A 200 -2.45 5.46 -0.06
N VAL A 201 -1.44 4.63 -0.35
CA VAL A 201 -0.23 4.61 0.47
C VAL A 201 1.00 4.97 -0.37
N GLY A 202 1.63 6.06 0.00
CA GLY A 202 2.82 6.52 -0.66
C GLY A 202 4.09 6.02 0.02
N GLY A 203 5.22 6.60 -0.36
CA GLY A 203 6.51 6.04 -0.07
C GLY A 203 7.56 6.97 0.51
N THR A 204 8.31 6.40 1.45
CA THR A 204 9.36 7.14 2.10
C THR A 204 10.74 6.49 1.92
N THR A 205 11.76 7.27 2.23
CA THR A 205 13.12 6.76 2.43
C THR A 205 13.30 6.62 3.94
N LEU A 206 13.54 5.41 4.45
CA LEU A 206 13.51 5.17 5.90
C LEU A 206 14.91 5.10 6.46
N TYR A 207 15.23 5.92 7.44
CA TYR A 207 16.48 5.89 8.14
C TYR A 207 16.26 5.38 9.55
N THR A 208 17.16 4.49 9.99
CA THR A 208 17.09 3.95 11.32
C THR A 208 18.45 4.09 11.97
N THR A 209 18.43 4.06 13.28
CA THR A 209 19.69 4.14 14.02
C THR A 209 20.39 2.79 14.01
N SER A 210 21.64 2.75 14.47
CA SER A 210 22.34 1.45 14.55
C SER A 210 21.61 0.46 15.45
N ALA A 211 20.92 0.97 16.45
CA ALA A 211 20.14 0.11 17.35
C ALA A 211 18.82 -0.30 16.75
N GLY A 212 18.52 0.16 15.55
CA GLY A 212 17.25 -0.15 14.90
C GLY A 212 16.10 0.78 15.21
N ALA A 213 16.38 1.86 15.93
CA ALA A 213 15.26 2.75 16.19
C ALA A 213 14.91 3.55 14.94
N TYR A 214 13.63 3.87 14.84
CA TYR A 214 13.20 4.89 13.87
C TYR A 214 14.09 6.11 13.99
N SER A 215 14.64 6.64 12.90
CA SER A 215 15.37 7.90 12.95
C SER A 215 14.62 9.00 12.21
N ASN A 216 14.35 8.79 10.90
CA ASN A 216 13.69 9.81 10.11
C ASN A 216 13.23 9.21 8.78
N GLU A 217 12.29 9.90 8.14
CA GLU A 217 11.86 9.53 6.79
C GLU A 217 11.84 10.77 5.90
N THR A 218 12.34 10.58 4.68
CA THR A 218 12.24 11.61 3.64
C THR A 218 11.34 11.05 2.52
N VAL A 219 11.09 11.86 1.52
CA VAL A 219 10.34 11.36 0.36
C VAL A 219 11.11 10.25 -0.30
N TRP A 220 10.42 9.17 -0.76
CA TRP A 220 11.05 8.23 -1.70
C TRP A 220 11.21 8.84 -3.07
N ASN A 221 12.47 9.03 -3.47
CA ASN A 221 12.80 9.46 -4.82
C ASN A 221 14.23 8.99 -5.10
N GLU A 222 14.33 7.95 -5.86
CA GLU A 222 15.65 7.39 -6.17
C GLU A 222 16.12 7.72 -7.58
N GLY A 223 15.47 8.71 -8.21
CA GLY A 223 15.91 9.21 -9.49
C GLY A 223 15.60 8.26 -10.64
N LEU A 224 16.42 8.43 -11.69
CA LEU A 224 16.19 7.64 -12.89
C LEU A 224 16.98 6.35 -12.92
N ASP A 225 16.38 5.31 -13.45
CA ASP A 225 17.09 4.09 -13.72
C ASP A 225 17.80 4.18 -15.07
N SER A 226 18.42 3.08 -15.47
CA SER A 226 19.25 3.09 -16.66
C SER A 226 18.41 3.28 -17.92
N ASN A 227 17.12 3.02 -17.84
CA ASN A 227 16.27 3.22 -18.99
C ASN A 227 15.72 4.65 -19.03
N GLY A 228 15.94 5.42 -17.98
CA GLY A 228 15.46 6.78 -17.87
C GLY A 228 14.12 6.95 -17.16
N LYS A 229 13.64 5.89 -16.53
CA LYS A 229 12.40 5.88 -15.78
C LYS A 229 12.64 6.42 -14.35
N LEU A 230 11.78 7.30 -13.89
CA LEU A 230 11.81 7.76 -12.53
C LEU A 230 11.24 6.71 -11.55
N TRP A 231 11.90 6.60 -10.41
CA TRP A 231 11.46 5.74 -9.29
C TRP A 231 11.21 6.65 -8.09
N ALA A 232 9.93 6.92 -7.85
CA ALA A 232 9.58 7.83 -6.78
C ALA A 232 8.10 7.62 -6.41
N THR A 233 7.74 8.10 -5.21
CA THR A 233 6.38 7.95 -4.72
C THR A 233 5.35 8.69 -5.54
N GLY A 234 4.30 7.93 -5.91
CA GLY A 234 3.16 8.58 -6.54
C GLY A 234 2.44 9.49 -5.58
N GLY A 235 1.97 10.64 -6.09
CA GLY A 235 1.22 11.59 -5.27
C GLY A 235 0.79 12.77 -6.12
N GLY A 236 -0.32 13.35 -5.74
CA GLY A 236 -0.97 14.42 -6.47
C GLY A 236 -2.46 14.42 -6.17
N TYR A 237 -3.25 14.67 -7.20
CA TYR A 237 -4.70 14.65 -7.04
C TYR A 237 -5.31 14.02 -8.28
N SER A 238 -6.46 13.39 -8.11
CA SER A 238 -7.18 12.86 -9.25
C SER A 238 -7.71 13.99 -10.14
N VAL A 239 -7.71 13.77 -11.44
CA VAL A 239 -8.36 14.74 -12.32
C VAL A 239 -9.87 14.47 -12.40
N TYR A 240 -10.34 13.30 -11.98
CA TYR A 240 -11.72 12.90 -12.08
C TYR A 240 -12.44 12.87 -10.76
N GLU A 241 -11.86 12.24 -9.75
CA GLU A 241 -12.57 12.03 -8.51
C GLU A 241 -12.69 13.31 -7.69
N SER A 242 -13.88 13.62 -7.22
CA SER A 242 -14.14 14.79 -6.34
C SER A 242 -13.51 14.54 -4.97
N LYS A 243 -13.22 15.67 -4.30
CA LYS A 243 -12.70 15.58 -2.96
C LYS A 243 -13.71 15.05 -1.96
N PRO A 244 -13.35 14.00 -1.22
CA PRO A 244 -14.26 13.57 -0.15
C PRO A 244 -14.29 14.60 0.96
N SER A 245 -15.39 14.64 1.70
CA SER A 245 -15.64 15.64 2.74
C SER A 245 -14.48 15.78 3.71
N TRP A 246 -13.92 14.63 4.10
CA TRP A 246 -12.89 14.64 5.14
C TRP A 246 -11.58 15.25 4.69
N GLN A 247 -11.35 15.36 3.39
CA GLN A 247 -10.11 15.98 2.95
C GLN A 247 -10.19 17.51 2.95
N SER A 248 -11.35 18.07 3.29
CA SER A 248 -11.52 19.53 3.40
C SER A 248 -10.54 20.12 4.39
N VAL A 249 -10.05 19.32 5.32
CA VAL A 249 -9.07 19.82 6.31
C VAL A 249 -7.74 20.19 5.70
N VAL A 250 -7.44 19.72 4.48
CA VAL A 250 -6.21 20.10 3.80
C VAL A 250 -6.51 21.35 2.95
N SER A 251 -6.37 22.56 3.49
CA SER A 251 -6.83 23.74 2.77
C SER A 251 -5.83 24.07 1.66
N GLY A 252 -6.34 24.74 0.64
CA GLY A 252 -5.51 25.22 -0.44
C GLY A 252 -5.26 24.21 -1.53
N THR A 253 -6.09 23.21 -1.64
CA THR A 253 -5.98 22.12 -2.60
C THR A 253 -7.22 22.12 -3.47
N PRO A 254 -7.15 21.47 -4.64
CA PRO A 254 -8.31 21.45 -5.54
C PRO A 254 -9.46 20.62 -5.02
N GLY A 255 -10.60 20.71 -5.67
CA GLY A 255 -11.80 19.95 -5.33
C GLY A 255 -11.79 18.51 -5.77
N ARG A 256 -10.66 17.84 -5.57
CA ARG A 256 -10.37 16.53 -6.09
C ARG A 256 -9.82 15.64 -4.99
N ARG A 257 -9.88 14.34 -5.21
CA ARG A 257 -9.30 13.36 -4.28
C ARG A 257 -7.78 13.54 -4.27
N LEU A 258 -7.21 13.89 -3.14
CA LEU A 258 -5.80 14.15 -2.96
C LEU A 258 -5.18 12.83 -2.52
N LEU A 259 -3.99 12.50 -2.97
CA LEU A 259 -3.36 11.24 -2.56
C LEU A 259 -1.86 11.41 -2.52
N PRO A 260 -1.13 10.61 -1.74
CA PRO A 260 -1.64 9.53 -0.92
C PRO A 260 -2.23 10.02 0.39
N ASP A 261 -2.83 9.12 1.16
CA ASP A 261 -3.32 9.39 2.48
C ASP A 261 -2.21 9.35 3.52
N ILE A 262 -1.41 8.31 3.48
CA ILE A 262 -0.35 7.99 4.42
C ILE A 262 0.77 7.36 3.61
N SER A 263 1.96 7.18 4.18
CA SER A 263 3.11 6.62 3.54
C SER A 263 3.96 5.78 4.48
N PHE A 264 4.65 4.80 3.93
CA PHE A 264 5.60 3.98 4.67
C PHE A 264 6.81 3.73 3.79
N ASP A 265 7.79 2.99 4.33
CA ASP A 265 9.03 2.69 3.65
C ASP A 265 8.77 2.20 2.20
N ALA A 266 9.52 2.79 1.26
CA ALA A 266 9.47 2.49 -0.13
C ALA A 266 10.83 2.51 -0.82
N ALA A 267 11.85 3.20 -0.33
CA ALA A 267 13.08 3.26 -1.10
C ALA A 267 13.70 1.87 -1.24
N GLN A 268 14.16 1.51 -2.43
CA GLN A 268 14.86 0.24 -2.52
C GLN A 268 16.07 0.27 -1.60
N GLY A 269 16.78 1.38 -1.53
CA GLY A 269 17.96 1.50 -0.70
C GLY A 269 17.68 1.37 0.79
N THR A 270 16.41 1.45 1.20
CA THR A 270 16.01 1.23 2.58
C THR A 270 14.91 0.19 2.67
N GLY A 271 14.83 -0.69 1.69
CA GLY A 271 13.67 -1.53 1.43
C GLY A 271 13.67 -2.79 2.26
N ALA A 272 12.81 -3.71 1.87
CA ALA A 272 12.59 -4.97 2.56
C ALA A 272 13.41 -6.09 2.01
N LEU A 273 13.91 -6.97 2.87
CA LEU A 273 14.58 -8.19 2.44
C LEU A 273 13.54 -9.28 2.27
N ILE A 274 13.38 -9.73 1.01
CA ILE A 274 12.27 -10.59 0.56
C ILE A 274 12.82 -11.83 -0.13
N TYR A 275 12.29 -13.00 0.23
CA TYR A 275 12.62 -14.23 -0.49
C TYR A 275 11.81 -14.31 -1.79
N ASN A 276 12.52 -14.41 -2.92
CA ASN A 276 11.92 -14.42 -4.25
C ASN A 276 12.54 -15.55 -5.04
N TYR A 277 11.77 -16.55 -5.42
CA TYR A 277 12.35 -17.75 -6.07
C TYR A 277 13.53 -18.24 -5.25
N GLY A 278 13.37 -18.23 -3.91
CA GLY A 278 14.35 -18.80 -3.02
C GLY A 278 15.52 -17.89 -2.64
N GLN A 279 15.63 -16.73 -3.28
CA GLN A 279 16.78 -15.88 -3.09
C GLN A 279 16.35 -14.60 -2.36
N LEU A 280 17.08 -14.22 -1.34
CA LEU A 280 16.82 -13.02 -0.58
C LEU A 280 17.25 -11.79 -1.40
N GLN A 281 16.31 -10.86 -1.60
CA GLN A 281 16.55 -9.67 -2.35
C GLN A 281 16.03 -8.45 -1.61
N GLN A 282 16.67 -7.31 -1.86
CA GLN A 282 16.22 -6.06 -1.22
C GLN A 282 15.35 -5.29 -2.21
N ILE A 283 14.10 -5.11 -1.83
CA ILE A 283 13.08 -4.60 -2.70
C ILE A 283 12.32 -3.45 -2.07
N GLY A 284 12.02 -2.42 -2.88
CA GLY A 284 11.20 -1.30 -2.48
C GLY A 284 10.02 -1.07 -3.39
N GLY A 285 9.56 0.16 -3.40
CA GLY A 285 8.40 0.67 -4.03
C GLY A 285 7.27 0.99 -3.07
N THR A 286 6.31 1.74 -3.61
CA THR A 286 5.04 1.84 -2.86
C THR A 286 4.37 0.48 -2.84
N SER A 287 4.82 -0.46 -3.69
CA SER A 287 4.42 -1.84 -3.53
C SER A 287 4.86 -2.47 -2.21
N LEU A 288 5.86 -1.89 -1.52
CA LEU A 288 6.26 -2.27 -0.17
C LEU A 288 5.44 -1.49 0.86
N ALA A 289 5.31 -0.18 0.63
CA ALA A 289 4.65 0.66 1.59
C ALA A 289 3.22 0.20 1.88
N SER A 290 2.47 -0.15 0.84
CA SER A 290 1.09 -0.58 1.05
C SER A 290 1.00 -1.85 1.91
N PRO A 291 1.72 -2.91 1.62
CA PRO A 291 1.63 -4.10 2.55
C PRO A 291 2.11 -3.80 3.96
N ILE A 292 3.05 -2.90 4.17
CA ILE A 292 3.39 -2.50 5.55
C ILE A 292 2.12 -1.98 6.20
N PHE A 293 1.46 -1.02 5.57
CA PHE A 293 0.22 -0.49 6.12
C PHE A 293 -0.80 -1.60 6.36
N VAL A 294 -0.93 -2.50 5.38
CA VAL A 294 -1.96 -3.54 5.55
C VAL A 294 -1.71 -4.38 6.81
N GLY A 295 -0.46 -4.78 7.03
CA GLY A 295 -0.18 -5.57 8.23
C GLY A 295 -0.42 -4.80 9.50
N LEU A 296 -0.02 -3.52 9.52
CA LEU A 296 -0.26 -2.69 10.72
C LEU A 296 -1.74 -2.47 10.98
N TRP A 297 -2.46 -2.19 9.92
CA TRP A 297 -3.93 -1.94 10.01
C TRP A 297 -4.63 -3.20 10.43
N ALA A 298 -4.20 -4.36 9.88
CA ALA A 298 -4.80 -5.63 10.28
C ALA A 298 -4.62 -5.89 11.76
N ARG A 299 -3.47 -5.53 12.32
CA ARG A 299 -3.28 -5.77 13.74
C ARG A 299 -4.14 -4.81 14.56
N LEU A 300 -4.34 -3.57 14.10
CA LEU A 300 -5.26 -2.68 14.79
C LEU A 300 -6.69 -3.24 14.73
N GLN A 301 -7.06 -3.87 13.58
CA GLN A 301 -8.38 -4.47 13.52
C GLN A 301 -8.51 -5.58 14.53
N SER A 302 -7.48 -6.45 14.61
CA SER A 302 -7.52 -7.53 15.62
C SER A 302 -7.67 -6.99 17.02
N ALA A 303 -6.97 -5.90 17.29
CA ALA A 303 -7.03 -5.30 18.63
C ALA A 303 -8.44 -4.76 18.94
N ASN A 304 -9.25 -4.52 17.94
CA ASN A 304 -10.58 -3.91 18.05
C ASN A 304 -11.68 -4.82 17.53
N SER A 305 -11.45 -6.12 17.59
CA SER A 305 -12.44 -7.12 17.21
C SER A 305 -12.97 -6.93 15.80
N ASN A 306 -12.09 -6.50 14.91
CA ASN A 306 -12.43 -6.24 13.51
C ASN A 306 -13.62 -5.29 13.35
N SER A 307 -13.78 -4.36 14.29
CA SER A 307 -14.93 -3.50 14.29
C SER A 307 -14.64 -2.12 13.73
N LEU A 308 -13.41 -1.85 13.27
CA LEU A 308 -13.12 -0.52 12.71
C LEU A 308 -13.61 -0.47 11.27
N GLY A 309 -14.37 0.58 10.98
CA GLY A 309 -14.83 0.75 9.62
C GLY A 309 -13.75 1.30 8.72
N PHE A 310 -14.15 1.57 7.50
CA PHE A 310 -13.24 2.22 6.54
C PHE A 310 -12.68 3.49 7.18
N PRO A 311 -11.36 3.59 7.27
CA PRO A 311 -10.80 4.63 8.17
C PRO A 311 -10.43 5.97 7.61
N ALA A 312 -10.70 6.27 6.33
CA ALA A 312 -10.14 7.50 5.75
C ALA A 312 -10.57 8.74 6.52
N ALA A 313 -11.84 8.91 6.77
CA ALA A 313 -12.30 10.14 7.44
C ALA A 313 -11.69 10.25 8.84
N SER A 314 -11.59 9.14 9.56
CA SER A 314 -10.95 9.12 10.87
C SER A 314 -9.47 9.48 10.78
N PHE A 315 -8.72 9.00 9.79
CA PHE A 315 -7.32 9.41 9.67
C PHE A 315 -7.23 10.91 9.55
N TYR A 316 -8.06 11.49 8.69
CA TYR A 316 -7.91 12.93 8.42
C TYR A 316 -8.29 13.73 9.66
N SER A 317 -9.34 13.37 10.34
CA SER A 317 -9.73 14.18 11.51
C SER A 317 -8.74 13.98 12.63
N ALA A 318 -8.30 12.75 12.88
CA ALA A 318 -7.41 12.43 13.98
C ALA A 318 -6.02 13.01 13.74
N ILE A 319 -5.48 12.81 12.54
CA ILE A 319 -4.10 13.25 12.32
C ILE A 319 -4.03 14.77 12.26
N SER A 320 -5.01 15.40 11.59
CA SER A 320 -4.98 16.87 11.53
C SER A 320 -5.02 17.48 12.93
N SER A 321 -5.77 16.87 13.85
CA SER A 321 -5.89 17.41 15.20
C SER A 321 -4.82 16.90 16.14
N THR A 322 -4.10 15.87 15.76
CA THR A 322 -3.22 15.12 16.62
C THR A 322 -1.94 14.75 15.85
N PRO A 323 -1.09 15.75 15.61
CA PRO A 323 0.10 15.47 14.81
C PRO A 323 1.03 14.41 15.35
N SER A 324 0.96 14.11 16.65
CA SER A 324 1.76 13.08 17.26
C SER A 324 1.48 11.68 16.70
N LEU A 325 0.34 11.50 16.03
CA LEU A 325 0.02 10.20 15.48
C LEU A 325 0.88 9.82 14.27
N VAL A 326 1.58 10.75 13.67
CA VAL A 326 2.35 10.49 12.46
C VAL A 326 3.78 10.99 12.58
N HIS A 327 4.61 10.39 11.75
CA HIS A 327 5.92 10.94 11.41
C HIS A 327 5.72 11.79 10.14
N ASP A 328 5.82 13.10 10.34
CA ASP A 328 5.56 14.04 9.27
C ASP A 328 6.77 14.12 8.34
N VAL A 329 6.65 13.66 7.12
CA VAL A 329 7.77 13.79 6.19
C VAL A 329 7.85 15.22 5.69
N LYS A 330 9.03 15.78 5.70
CA LYS A 330 9.21 17.22 5.35
C LYS A 330 10.17 17.45 4.22
N SER A 331 11.05 16.51 3.87
CA SER A 331 12.11 16.76 2.95
C SER A 331 12.00 15.85 1.71
N GLY A 332 12.06 16.44 0.53
CA GLY A 332 12.14 15.71 -0.72
C GLY A 332 11.02 16.09 -1.67
N ASN A 333 11.07 15.50 -2.85
CA ASN A 333 10.12 15.78 -3.92
C ASN A 333 9.84 14.51 -4.70
N ASN A 334 8.71 14.47 -5.42
CA ASN A 334 8.38 13.30 -6.18
C ASN A 334 8.36 13.53 -7.67
N GLY A 335 9.26 14.41 -8.15
CA GLY A 335 9.49 14.60 -9.56
C GLY A 335 10.95 14.43 -9.95
N TYR A 336 11.36 15.20 -10.94
CA TYR A 336 12.71 15.18 -11.49
C TYR A 336 13.01 16.54 -12.10
N GLY A 337 14.27 16.94 -12.03
CA GLY A 337 14.70 18.12 -12.73
C GLY A 337 14.10 19.43 -12.30
N GLY A 338 13.75 19.48 -11.03
CA GLY A 338 13.10 20.65 -10.45
C GLY A 338 11.59 20.63 -10.49
N TYR A 339 11.01 19.64 -11.14
CA TYR A 339 9.58 19.48 -11.22
C TYR A 339 9.12 18.49 -10.14
N GLY A 340 7.80 18.47 -10.00
CA GLY A 340 7.14 17.60 -9.04
C GLY A 340 6.72 18.36 -7.80
N TYR A 341 6.08 17.66 -6.86
CA TYR A 341 5.65 18.23 -5.61
C TYR A 341 6.72 18.05 -4.54
N ASN A 342 6.74 18.95 -3.60
CA ASN A 342 7.67 18.96 -2.48
C ASN A 342 6.96 18.58 -1.20
N ALA A 343 7.65 17.81 -0.38
CA ALA A 343 7.14 17.54 0.98
C ALA A 343 7.21 18.82 1.79
N GLY A 344 6.44 18.87 2.86
CA GLY A 344 6.47 20.05 3.73
C GLY A 344 5.74 19.71 5.02
N THR A 345 5.54 20.74 5.82
CA THR A 345 4.82 20.56 7.08
C THR A 345 3.41 20.07 6.84
N GLY A 346 3.02 19.04 7.57
CA GLY A 346 1.67 18.50 7.47
C GLY A 346 1.47 17.69 6.20
N TRP A 347 0.24 17.60 5.76
CA TRP A 347 -0.12 16.80 4.60
C TRP A 347 0.61 17.37 3.39
N ASP A 348 1.17 16.51 2.56
CA ASP A 348 1.79 16.97 1.31
C ASP A 348 1.51 15.93 0.21
N TYR A 349 1.75 16.38 -1.05
CA TYR A 349 1.43 15.49 -2.13
C TYR A 349 2.36 14.28 -2.26
N PRO A 350 3.65 14.34 -1.93
CA PRO A 350 4.44 13.11 -2.05
C PRO A 350 4.08 12.03 -1.05
N THR A 351 3.71 12.43 0.17
CA THR A 351 3.60 11.49 1.27
C THR A 351 2.31 11.53 2.06
N GLY A 352 1.40 12.42 1.74
CA GLY A 352 0.18 12.57 2.52
C GLY A 352 0.51 12.97 3.93
N TRP A 353 -0.05 12.29 4.93
CA TRP A 353 0.23 12.63 6.32
C TRP A 353 1.57 12.09 6.80
N GLY A 354 2.24 11.24 6.04
CA GLY A 354 3.42 10.55 6.53
C GLY A 354 3.06 9.19 7.06
N SER A 355 3.95 8.65 7.90
CA SER A 355 3.80 7.30 8.40
C SER A 355 3.15 7.35 9.79
N LEU A 356 2.51 6.25 10.15
CA LEU A 356 1.78 6.11 11.42
C LEU A 356 2.73 5.66 12.53
N ASP A 357 2.56 6.27 13.69
CA ASP A 357 3.12 5.76 14.93
C ASP A 357 2.06 4.86 15.55
N ILE A 358 2.25 3.56 15.45
CA ILE A 358 1.12 2.67 15.78
C ILE A 358 0.80 2.67 17.26
N ALA A 359 1.80 2.82 18.12
CA ALA A 359 1.47 2.89 19.55
C ALA A 359 0.57 4.09 19.84
N LYS A 360 0.91 5.23 19.28
CA LYS A 360 0.13 6.41 19.58
C LYS A 360 -1.25 6.33 18.94
N LEU A 361 -1.32 5.76 17.74
CA LEU A 361 -2.62 5.57 17.08
C LEU A 361 -3.49 4.59 17.85
N SER A 362 -2.88 3.49 18.33
CA SER A 362 -3.64 2.54 19.12
C SER A 362 -4.19 3.19 20.37
N ALA A 363 -3.39 4.02 21.05
CA ALA A 363 -3.95 4.69 22.25
C ALA A 363 -5.10 5.59 21.89
N TYR A 364 -4.95 6.33 20.78
CA TYR A 364 -6.02 7.20 20.31
C TYR A 364 -7.30 6.42 20.05
N ILE A 365 -7.19 5.26 19.38
CA ILE A 365 -8.35 4.46 19.07
C ILE A 365 -8.97 3.91 20.36
N ARG A 366 -8.17 3.48 21.33
CA ARG A 366 -8.77 2.98 22.55
C ARG A 366 -9.58 4.10 23.18
N SER A 367 -9.10 5.34 23.04
CA SER A 367 -9.89 6.38 23.72
C SER A 367 -11.08 6.83 22.92
N ASN A 368 -10.92 6.86 21.61
CA ASN A 368 -11.88 7.53 20.76
C ASN A 368 -12.62 6.66 19.76
N GLY A 369 -12.22 5.40 19.59
CA GLY A 369 -12.70 4.61 18.45
C GLY A 369 -12.15 5.10 17.12
N PHE A 370 -12.60 4.52 16.02
CA PHE A 370 -12.07 4.85 14.68
C PHE A 370 -13.01 4.29 13.61
N GLY A 371 -12.93 4.83 12.41
CA GLY A 371 -13.68 4.52 11.21
C GLY A 371 -15.18 4.75 11.31
N HIS A 372 -15.83 4.56 10.16
CA HIS A 372 -17.25 4.76 10.04
C HIS A 372 -17.83 3.69 9.10
N UNK B 1 8.67 -5.19 -7.68
CA UNK B 1 8.49 -3.79 -7.31
C UNK B 1 9.60 -2.92 -7.85
N PHI B 2 10.42 -2.35 -6.96
CA PHI B 2 11.67 -1.78 -7.44
CB PHI B 2 11.93 -0.36 -6.99
CG PHI B 2 13.02 0.44 -7.63
CD1 PHI B 2 13.56 1.54 -6.98
CD2 PHI B 2 13.54 0.13 -8.89
CE1 PHI B 2 14.57 2.31 -7.52
CE2 PHI B 2 14.56 0.92 -9.43
CZ PHI B 2 15.10 2.02 -8.78
I PHI B 2 16.46 3.26 -9.29
C PHI B 2 12.84 -2.59 -6.89
O PHI B 2 12.99 -2.68 -5.66
N UNK B 3 13.65 -3.16 -7.78
CA UNK B 3 14.77 -3.95 -7.31
C UNK B 3 16.11 -3.30 -7.55
CA CA C . 4.58 16.37 5.37
CL CL D . -18.75 12.09 3.53
C1 GOL E . 14.11 -12.18 5.77
O1 GOL E . 12.79 -12.39 6.25
C2 GOL E . 15.09 -12.74 6.82
O2 GOL E . 14.91 -14.16 6.87
C3 GOL E . 16.49 -12.41 6.37
O3 GOL E . 17.37 -12.96 7.37
#